data_3SID
#
_entry.id   3SID
#
_cell.length_a   82.009
_cell.length_b   82.009
_cell.length_c   46.440
_cell.angle_alpha   90.00
_cell.angle_beta   90.00
_cell.angle_gamma   120.00
#
_symmetry.space_group_name_H-M   'P 32'
#
loop_
_entity.id
_entity.type
_entity.pdbx_description
1 polymer Symerythrin
2 non-polymer 'FE (III) ION'
3 non-polymer 'AZIDE ION'
4 water water
#
_entity_poly.entity_id   1
_entity_poly.type   'polypeptide(L)'
_entity_poly.pdbx_seq_one_letter_code
;MGLNYNQEDFMGLDRFFQDAVSHNNTDANAASSIEVEMYECDCMYPTFAEIARRSGQPEIGAMFDAIAKEEGMHAQLLTK
LYSELEVKDSAETLEAKRLVSTIESQIDAVASDSRGLRRALETALEVETIESQKTYPAFAKLAAEQGNMEVATAFEAIVK
SETKHANWVKRALENLLEVA
;
_entity_poly.pdbx_strand_id   A,B
#
loop_
_chem_comp.id
_chem_comp.type
_chem_comp.name
_chem_comp.formula
AZI non-polymer 'AZIDE ION' 'N3 -1'
FE non-polymer 'FE (III) ION' 'Fe 3'
#
# COMPACT_ATOMS: atom_id res chain seq x y z
N ASN A 4 -3.63 11.92 18.26
CA ASN A 4 -2.79 10.68 17.92
C ASN A 4 -1.55 10.92 17.02
N TYR A 5 -0.39 11.19 17.64
CA TYR A 5 0.82 11.59 16.95
C TYR A 5 1.86 10.46 16.71
N ASN A 6 2.24 10.24 15.45
CA ASN A 6 3.24 9.27 15.00
C ASN A 6 4.47 10.04 14.50
N GLN A 7 5.67 9.54 14.75
CA GLN A 7 6.86 10.18 14.23
C GLN A 7 6.91 10.14 12.72
N GLU A 8 7.34 11.21 12.08
CA GLU A 8 7.50 11.16 10.66
C GLU A 8 8.79 10.39 10.25
N ASP A 9 8.76 9.78 9.07
CA ASP A 9 9.88 9.02 8.57
C ASP A 9 11.17 9.91 8.45
N PHE A 10 12.28 9.21 8.70
CA PHE A 10 13.61 9.71 8.49
C PHE A 10 13.74 10.48 7.18
N MET A 11 14.16 11.71 7.31
CA MET A 11 14.43 12.69 6.23
CA MET A 11 14.46 12.58 6.17
C MET A 11 13.21 12.90 5.31
N GLY A 12 12.02 12.59 5.83
CA GLY A 12 10.80 12.85 5.00
C GLY A 12 10.70 12.00 3.75
N LEU A 13 11.43 10.89 3.69
CA LEU A 13 11.59 10.16 2.43
C LEU A 13 10.26 9.57 1.98
N ASP A 14 9.33 9.39 2.91
CA ASP A 14 8.02 8.88 2.58
C ASP A 14 7.23 9.84 1.66
N ARG A 15 7.53 11.15 1.73
CA ARG A 15 6.86 12.17 0.94
C ARG A 15 7.25 12.18 -0.52
N PHE A 16 8.15 11.29 -0.91
CA PHE A 16 8.44 11.07 -2.33
CA PHE A 16 8.44 11.06 -2.31
C PHE A 16 7.25 10.35 -3.02
N PHE A 17 6.47 9.60 -2.28
CA PHE A 17 5.36 8.89 -2.86
C PHE A 17 4.29 9.89 -3.30
N GLN A 18 3.89 9.77 -4.57
CA GLN A 18 2.84 10.60 -5.15
C GLN A 18 1.77 9.72 -5.80
N ASP A 19 0.54 9.95 -5.42
CA ASP A 19 -0.59 9.18 -5.97
C ASP A 19 -1.28 9.94 -7.10
N ALA A 20 -1.63 9.23 -8.17
CA ALA A 20 -2.47 9.81 -9.22
C ALA A 20 -3.83 10.19 -8.57
N VAL A 21 -4.42 11.27 -9.13
CA VAL A 21 -5.66 11.78 -8.63
C VAL A 21 -6.82 11.24 -9.41
N SER A 22 -7.82 10.80 -8.66
N SER A 22 -7.89 10.95 -8.72
CA SER A 22 -9.08 10.31 -9.18
CA SER A 22 -9.00 10.31 -9.36
C SER A 22 -10.01 11.45 -9.75
C SER A 22 -10.14 11.27 -9.67
N HIS A 23 -10.55 11.19 -10.94
CA HIS A 23 -11.52 12.11 -11.58
C HIS A 23 -12.67 11.32 -12.10
N ASN A 24 -13.73 12.02 -12.50
CA ASN A 24 -14.86 11.38 -13.17
C ASN A 24 -14.58 10.90 -14.55
N ASN A 25 -13.62 11.56 -15.24
N ASN A 25 -13.58 11.45 -15.22
CA ASN A 25 -13.36 11.31 -16.63
CA ASN A 25 -13.43 11.17 -16.62
C ASN A 25 -12.01 10.57 -16.77
C ASN A 25 -12.02 10.65 -16.91
N THR A 26 -12.03 9.51 -17.58
CA THR A 26 -10.83 8.72 -17.88
C THR A 26 -9.72 9.56 -18.50
N ASP A 27 -10.00 10.59 -19.35
N ASP A 27 -10.10 10.47 -19.34
CA ASP A 27 -8.89 11.48 -19.90
CA ASP A 27 -9.12 11.28 -19.94
C ASP A 27 -8.12 12.09 -18.80
C ASP A 27 -8.24 12.01 -18.88
N ALA A 28 -8.87 12.58 -17.84
CA ALA A 28 -8.22 13.27 -16.72
C ALA A 28 -7.46 12.28 -15.85
N ASN A 29 -7.98 11.07 -15.68
CA ASN A 29 -7.20 10.01 -14.93
C ASN A 29 -5.92 9.74 -15.71
N ALA A 30 -6.00 9.61 -17.03
CA ALA A 30 -4.83 9.43 -17.85
C ALA A 30 -3.82 10.54 -17.67
N ALA A 31 -4.26 11.81 -17.68
CA ALA A 31 -3.38 12.93 -17.54
C ALA A 31 -2.67 12.87 -16.20
N SER A 32 -3.42 12.51 -15.16
CA SER A 32 -2.82 12.42 -13.80
C SER A 32 -1.83 11.30 -13.73
N SER A 33 -2.17 10.19 -14.33
CA SER A 33 -1.24 9.06 -14.36
CA SER A 33 -1.24 9.03 -14.40
C SER A 33 0.06 9.43 -15.11
N ILE A 34 -0.05 10.02 -16.30
CA ILE A 34 1.12 10.43 -17.06
C ILE A 34 2.07 11.27 -16.15
N GLU A 35 1.45 12.24 -15.54
CA GLU A 35 2.18 13.17 -14.65
C GLU A 35 2.95 12.39 -13.60
N VAL A 36 2.27 11.51 -12.88
CA VAL A 36 2.95 10.77 -11.79
C VAL A 36 3.97 9.80 -12.28
N GLU A 37 3.65 9.09 -13.35
N GLU A 37 3.65 9.05 -13.35
CA GLU A 37 4.58 8.11 -13.90
CA GLU A 37 4.60 8.09 -13.94
C GLU A 37 5.85 8.77 -14.43
C GLU A 37 5.87 8.79 -14.42
N MET A 38 5.70 9.92 -15.05
CA MET A 38 6.88 10.68 -15.49
C MET A 38 7.66 11.24 -14.35
N TYR A 39 7.01 11.66 -13.29
CA TYR A 39 7.76 12.05 -12.05
C TYR A 39 8.54 10.88 -11.49
N GLU A 40 7.96 9.70 -11.48
CA GLU A 40 8.68 8.54 -11.02
C GLU A 40 9.87 8.20 -11.89
N CYS A 41 9.66 8.28 -13.20
CA CYS A 41 10.68 7.98 -14.20
C CYS A 41 11.85 8.96 -14.12
N ASP A 42 11.52 10.26 -14.10
N ASP A 42 11.60 10.25 -14.08
CA ASP A 42 12.45 11.41 -14.22
CA ASP A 42 12.67 11.23 -14.25
C ASP A 42 13.15 11.71 -12.91
C ASP A 42 13.11 11.90 -12.89
N CYS A 43 12.41 11.62 -11.81
CA CYS A 43 12.80 12.23 -10.56
CA CYS A 43 12.74 12.27 -10.53
C CYS A 43 12.90 11.25 -9.41
N MET A 44 11.83 10.56 -9.07
CA MET A 44 11.80 9.74 -7.87
C MET A 44 12.79 8.53 -7.97
N TYR A 45 12.62 7.68 -8.95
CA TYR A 45 13.43 6.47 -9.00
C TYR A 45 14.89 6.81 -9.28
N PRO A 46 15.21 7.80 -10.12
CA PRO A 46 16.68 8.12 -10.28
C PRO A 46 17.29 8.53 -8.95
N THR A 47 16.56 9.26 -8.13
CA THR A 47 17.08 9.69 -6.82
C THR A 47 17.28 8.47 -5.92
N PHE A 48 16.32 7.55 -5.89
CA PHE A 48 16.47 6.31 -5.14
C PHE A 48 17.67 5.51 -5.62
N ALA A 49 17.91 5.50 -6.94
CA ALA A 49 19.03 4.80 -7.53
C ALA A 49 20.34 5.40 -6.98
N GLU A 50 20.42 6.73 -6.94
CA GLU A 50 21.64 7.38 -6.49
C GLU A 50 21.84 7.12 -4.98
N ILE A 51 20.79 7.17 -4.18
CA ILE A 51 20.88 6.79 -2.76
C ILE A 51 21.43 5.37 -2.65
N ALA A 52 20.97 4.42 -3.49
CA ALA A 52 21.43 3.05 -3.45
C ALA A 52 22.93 3.02 -3.80
N ARG A 53 23.36 3.64 -4.90
CA ARG A 53 24.78 3.64 -5.29
C ARG A 53 25.63 4.24 -4.19
N ARG A 54 25.21 5.37 -3.65
CA ARG A 54 26.05 6.04 -2.65
C ARG A 54 26.10 5.27 -1.33
N SER A 55 25.14 4.41 -1.10
CA SER A 55 25.09 3.48 0.02
C SER A 55 25.93 2.26 -0.20
N GLY A 56 26.58 2.13 -1.33
CA GLY A 56 27.28 0.90 -1.62
C GLY A 56 26.46 -0.30 -2.04
N GLN A 57 25.33 0.01 -2.70
CA GLN A 57 24.39 -1.02 -3.14
C GLN A 57 24.08 -0.85 -4.65
N PRO A 58 25.07 -1.07 -5.48
CA PRO A 58 24.90 -0.75 -6.90
C PRO A 58 23.89 -1.67 -7.58
N GLU A 59 23.71 -2.93 -7.17
CA GLU A 59 22.72 -3.83 -7.75
C GLU A 59 21.29 -3.27 -7.47
N ILE A 60 21.02 -2.82 -6.26
CA ILE A 60 19.72 -2.22 -5.97
C ILE A 60 19.58 -0.93 -6.79
N GLY A 61 20.64 -0.16 -6.96
CA GLY A 61 20.64 1.06 -7.79
C GLY A 61 20.21 0.70 -9.21
N ALA A 62 20.77 -0.36 -9.77
CA ALA A 62 20.42 -0.81 -11.14
C ALA A 62 18.93 -1.20 -11.20
N MET A 63 18.40 -1.80 -10.17
CA MET A 63 16.95 -2.14 -10.10
C MET A 63 16.15 -0.88 -10.21
N PHE A 64 16.46 0.11 -9.41
CA PHE A 64 15.68 1.36 -9.46
C PHE A 64 15.85 2.02 -10.86
N ASP A 65 17.01 1.98 -11.50
CA ASP A 65 17.14 2.55 -12.83
C ASP A 65 16.22 1.79 -13.81
N ALA A 66 16.12 0.48 -13.68
CA ALA A 66 15.30 -0.37 -14.57
C ALA A 66 13.82 -0.05 -14.36
N ILE A 67 13.42 0.06 -13.09
CA ILE A 67 12.04 0.45 -12.79
C ILE A 67 11.75 1.81 -13.37
N ALA A 68 12.61 2.78 -13.21
CA ALA A 68 12.38 4.12 -13.71
C ALA A 68 12.02 4.07 -15.21
N LYS A 69 12.80 3.30 -15.98
CA LYS A 69 12.54 3.23 -17.43
C LYS A 69 11.09 2.73 -17.68
N GLU A 70 10.69 1.73 -16.90
CA GLU A 70 9.38 1.15 -17.04
C GLU A 70 8.28 2.14 -16.68
N GLU A 71 8.49 2.98 -15.68
CA GLU A 71 7.53 4.03 -15.38
C GLU A 71 7.32 4.93 -16.60
N GLY A 72 8.39 5.27 -17.29
CA GLY A 72 8.26 6.07 -18.52
C GLY A 72 7.51 5.29 -19.57
N MET A 73 7.72 3.99 -19.67
CA MET A 73 6.92 3.16 -20.63
C MET A 73 5.45 3.32 -20.31
N HIS A 74 5.07 3.25 -19.04
CA HIS A 74 3.64 3.38 -18.68
C HIS A 74 3.08 4.70 -19.18
N ALA A 75 3.81 5.79 -18.93
CA ALA A 75 3.43 7.13 -19.35
C ALA A 75 3.27 7.19 -20.88
N GLN A 76 4.26 6.62 -21.56
CA GLN A 76 4.25 6.70 -23.01
C GLN A 76 3.13 5.89 -23.64
N LEU A 77 2.70 4.78 -23.02
CA LEU A 77 1.54 4.03 -23.47
C LEU A 77 0.29 4.97 -23.43
N LEU A 78 0.10 5.67 -22.31
CA LEU A 78 -1.02 6.53 -22.16
C LEU A 78 -0.95 7.74 -23.14
N THR A 79 0.25 8.29 -23.32
CA THR A 79 0.40 9.46 -24.17
CA THR A 79 0.38 9.47 -24.20
C THR A 79 0.10 9.05 -25.61
N LYS A 80 0.42 7.84 -26.00
CA LYS A 80 0.05 7.35 -27.35
C LYS A 80 -1.46 7.30 -27.54
N LEU A 81 -2.20 6.99 -26.50
CA LEU A 81 -3.62 6.92 -26.54
C LEU A 81 -4.26 8.29 -26.47
N TYR A 82 -3.57 9.28 -25.91
CA TYR A 82 -4.08 10.66 -25.70
C TYR A 82 -3.07 11.62 -26.28
N SER A 83 -3.00 11.65 -27.61
CA SER A 83 -1.89 12.31 -28.33
C SER A 83 -1.79 13.83 -28.09
N GLU A 84 -2.91 14.44 -27.73
CA GLU A 84 -3.02 15.90 -27.63
C GLU A 84 -3.01 16.45 -26.23
N LEU A 85 -2.93 15.56 -25.24
CA LEU A 85 -3.08 15.98 -23.87
C LEU A 85 -1.93 16.80 -23.40
N GLU A 86 -2.23 17.87 -22.70
CA GLU A 86 -1.24 18.78 -22.18
C GLU A 86 -1.17 18.49 -20.68
N VAL A 87 -0.09 17.89 -20.24
CA VAL A 87 0.14 17.46 -18.82
C VAL A 87 1.04 18.52 -18.17
N LYS A 88 0.58 19.01 -17.07
CA LYS A 88 1.35 19.95 -16.23
C LYS A 88 1.46 19.42 -14.84
N ASP A 89 2.58 19.74 -14.23
CA ASP A 89 2.78 19.30 -12.85
C ASP A 89 1.87 20.06 -11.84
N SER A 90 1.12 19.32 -11.05
CA SER A 90 0.30 19.88 -9.99
C SER A 90 1.21 20.44 -8.85
N ALA A 91 0.58 21.22 -7.98
CA ALA A 91 1.27 21.74 -6.81
C ALA A 91 1.99 20.61 -6.01
N GLU A 92 1.30 19.49 -5.87
CA GLU A 92 1.88 18.34 -5.15
C GLU A 92 3.09 17.76 -5.84
N THR A 93 3.08 17.62 -7.16
CA THR A 93 4.28 17.16 -7.89
C THR A 93 5.40 18.16 -7.78
N LEU A 94 5.10 19.45 -7.91
CA LEU A 94 6.11 20.44 -7.77
C LEU A 94 6.78 20.37 -6.38
N GLU A 95 5.97 20.15 -5.36
CA GLU A 95 6.51 20.04 -3.98
C GLU A 95 7.40 18.81 -3.85
N ALA A 96 6.99 17.70 -4.48
CA ALA A 96 7.79 16.51 -4.48
C ALA A 96 9.11 16.73 -5.18
N LYS A 97 9.11 17.43 -6.30
CA LYS A 97 10.31 17.72 -7.00
C LYS A 97 11.25 18.64 -6.19
N ARG A 98 10.67 19.54 -5.39
CA ARG A 98 11.50 20.30 -4.44
C ARG A 98 12.13 19.43 -3.38
N LEU A 99 11.38 18.48 -2.83
CA LEU A 99 11.93 17.52 -1.86
C LEU A 99 13.04 16.70 -2.49
N VAL A 100 12.83 16.19 -3.72
CA VAL A 100 13.90 15.56 -4.51
C VAL A 100 15.16 16.38 -4.48
N SER A 101 15.03 17.67 -4.80
CA SER A 101 16.20 18.51 -4.88
CA SER A 101 16.17 18.55 -4.87
C SER A 101 16.86 18.66 -3.51
N THR A 102 16.08 18.80 -2.45
CA THR A 102 16.72 18.93 -1.14
CA THR A 102 16.62 18.89 -1.07
C THR A 102 17.45 17.66 -0.69
N ILE A 103 16.95 16.48 -1.04
CA ILE A 103 17.61 15.25 -0.72
C ILE A 103 18.88 15.08 -1.55
N GLU A 104 18.80 15.40 -2.83
CA GLU A 104 19.97 15.41 -3.70
C GLU A 104 21.13 16.25 -3.12
N SER A 105 20.78 17.40 -2.55
CA SER A 105 21.77 18.29 -1.93
CA SER A 105 21.74 18.32 -1.89
C SER A 105 22.41 17.68 -0.67
N GLN A 106 21.73 16.75 -0.04
CA GLN A 106 22.21 16.07 1.16
C GLN A 106 22.50 14.59 0.93
N ILE A 107 22.80 14.20 -0.31
CA ILE A 107 22.73 12.83 -0.68
C ILE A 107 23.78 11.96 0.01
N ASP A 108 24.95 12.54 0.25
CA ASP A 108 25.96 11.79 1.02
C ASP A 108 25.52 11.50 2.45
N ALA A 109 24.90 12.45 3.13
CA ALA A 109 24.39 12.18 4.48
C ALA A 109 23.22 11.15 4.52
N VAL A 110 22.37 11.26 3.51
CA VAL A 110 21.20 10.36 3.48
C VAL A 110 21.72 8.92 3.28
N ALA A 111 22.68 8.77 2.38
CA ALA A 111 23.23 7.44 2.02
C ALA A 111 24.11 6.81 3.13
N SER A 112 24.79 7.69 3.90
CA SER A 112 25.67 7.17 4.95
C SER A 112 24.93 6.55 6.13
N ASP A 113 23.67 6.97 6.27
CA ASP A 113 22.84 6.41 7.25
C ASP A 113 22.11 5.20 6.66
N SER A 114 22.12 4.07 7.33
N SER A 114 22.11 4.05 7.31
CA SER A 114 21.49 2.86 6.79
CA SER A 114 21.45 2.86 6.72
C SER A 114 19.98 3.05 6.50
C SER A 114 19.96 3.06 6.47
N ARG A 115 19.39 3.97 7.21
CA ARG A 115 17.95 4.27 7.01
C ARG A 115 17.67 4.93 5.66
N GLY A 116 18.63 5.58 5.03
CA GLY A 116 18.32 6.28 3.79
C GLY A 116 17.82 5.29 2.74
N LEU A 117 18.56 4.24 2.48
CA LEU A 117 18.19 3.24 1.48
C LEU A 117 16.98 2.43 1.98
N ARG A 118 16.91 2.09 3.26
CA ARG A 118 15.80 1.33 3.76
C ARG A 118 14.51 2.10 3.52
N ARG A 119 14.49 3.37 3.89
CA ARG A 119 13.28 4.17 3.69
C ARG A 119 12.98 4.42 2.23
N ALA A 120 13.97 4.58 1.39
CA ALA A 120 13.76 4.69 -0.04
C ALA A 120 13.08 3.41 -0.53
N LEU A 121 13.55 2.20 -0.22
CA LEU A 121 12.91 0.98 -0.63
C LEU A 121 11.50 0.84 -0.05
N GLU A 122 11.28 1.24 1.19
CA GLU A 122 9.94 1.17 1.78
C GLU A 122 8.97 2.13 1.12
N THR A 123 9.45 3.29 0.70
CA THR A 123 8.64 4.26 -0.03
C THR A 123 8.32 3.72 -1.40
N ALA A 124 9.30 3.17 -2.12
CA ALA A 124 9.03 2.50 -3.41
C ALA A 124 7.98 1.43 -3.22
N LEU A 125 8.06 0.62 -2.17
CA LEU A 125 7.07 -0.44 -1.92
C LEU A 125 5.68 0.24 -1.67
N GLU A 126 5.64 1.28 -0.93
CA GLU A 126 4.39 1.97 -0.66
C GLU A 126 3.72 2.42 -1.96
N VAL A 127 4.42 3.07 -2.83
CA VAL A 127 3.78 3.51 -4.12
C VAL A 127 3.42 2.33 -4.95
N GLU A 128 4.27 1.36 -5.10
CA GLU A 128 3.99 0.24 -6.00
C GLU A 128 2.75 -0.52 -5.50
N THR A 129 2.63 -0.64 -4.18
CA THR A 129 1.47 -1.29 -3.54
C THR A 129 0.18 -0.45 -3.85
N ILE A 130 0.22 0.84 -3.57
CA ILE A 130 -1.01 1.69 -3.76
C ILE A 130 -1.37 1.69 -5.24
N GLU A 131 -0.40 1.86 -6.11
N GLU A 131 -0.39 1.89 -6.12
CA GLU A 131 -0.72 1.97 -7.53
CA GLU A 131 -0.62 1.91 -7.59
C GLU A 131 -1.19 0.64 -8.10
C GLU A 131 -1.23 0.63 -8.03
N SER A 132 -0.56 -0.48 -7.74
CA SER A 132 -0.97 -1.75 -8.26
C SER A 132 -2.27 -2.30 -7.69
N GLN A 133 -2.52 -2.02 -6.40
CA GLN A 133 -3.67 -2.59 -5.71
C GLN A 133 -4.90 -1.70 -5.63
N LYS A 134 -4.70 -0.38 -5.78
CA LYS A 134 -5.82 0.56 -5.58
C LYS A 134 -5.98 1.47 -6.75
N THR A 135 -5.03 2.32 -7.06
CA THR A 135 -5.22 3.41 -7.98
C THR A 135 -5.43 2.94 -9.40
N TYR A 136 -4.52 2.14 -9.95
CA TYR A 136 -4.70 1.74 -11.33
C TYR A 136 -5.81 0.74 -11.54
N PRO A 137 -6.10 -0.14 -10.59
CA PRO A 137 -7.34 -0.95 -10.77
C PRO A 137 -8.57 -0.04 -10.88
N ALA A 138 -8.61 1.00 -10.07
CA ALA A 138 -9.82 1.87 -10.07
C ALA A 138 -9.85 2.56 -11.41
N PHE A 139 -8.75 3.03 -11.96
CA PHE A 139 -8.75 3.70 -13.28
C PHE A 139 -9.17 2.72 -14.36
N ALA A 140 -8.67 1.49 -14.33
CA ALA A 140 -9.03 0.48 -15.33
C ALA A 140 -10.54 0.20 -15.28
N LYS A 141 -11.09 0.11 -14.05
CA LYS A 141 -12.50 -0.20 -13.90
C LYS A 141 -13.36 0.90 -14.49
N LEU A 142 -13.02 2.16 -14.22
CA LEU A 142 -13.77 3.27 -14.72
C LEU A 142 -13.65 3.40 -16.21
N ALA A 143 -12.48 3.12 -16.76
CA ALA A 143 -12.28 3.20 -18.21
C ALA A 143 -13.23 2.20 -18.90
N ALA A 144 -13.27 0.99 -18.38
CA ALA A 144 -14.13 -0.04 -18.93
C ALA A 144 -15.60 0.40 -18.86
N GLU A 145 -16.01 0.91 -17.68
CA GLU A 145 -17.39 1.38 -17.51
CA GLU A 145 -17.38 1.37 -17.53
C GLU A 145 -17.74 2.44 -18.54
N GLN A 146 -16.81 3.28 -18.92
CA GLN A 146 -17.03 4.35 -19.88
C GLN A 146 -16.88 3.93 -21.32
N GLY A 147 -16.70 2.62 -21.58
CA GLY A 147 -16.59 2.14 -22.90
C GLY A 147 -15.27 2.48 -23.57
N ASN A 148 -14.22 2.77 -22.82
CA ASN A 148 -12.92 3.04 -23.34
C ASN A 148 -12.07 1.82 -23.21
N MET A 149 -12.24 0.87 -24.12
N MET A 149 -12.27 0.86 -24.08
CA MET A 149 -11.62 -0.43 -23.99
CA MET A 149 -11.62 -0.39 -23.92
C MET A 149 -10.11 -0.32 -24.16
C MET A 149 -10.10 -0.32 -24.12
N GLU A 150 -9.61 0.49 -25.03
CA GLU A 150 -8.19 0.58 -25.26
C GLU A 150 -7.49 1.13 -24.01
N VAL A 151 -8.08 2.15 -23.38
CA VAL A 151 -7.51 2.71 -22.19
C VAL A 151 -7.65 1.78 -21.00
N ALA A 152 -8.75 1.06 -20.90
CA ALA A 152 -8.91 0.07 -19.82
C ALA A 152 -7.80 -0.97 -19.96
N THR A 153 -7.56 -1.47 -21.18
CA THR A 153 -6.57 -2.54 -21.40
C THR A 153 -5.20 -1.97 -21.04
N ALA A 154 -4.93 -0.72 -21.37
CA ALA A 154 -3.64 -0.07 -20.99
C ALA A 154 -3.49 -0.03 -19.50
N PHE A 155 -4.49 0.45 -18.77
CA PHE A 155 -4.43 0.46 -17.33
C PHE A 155 -4.25 -0.95 -16.77
N GLU A 156 -4.89 -1.96 -17.31
CA GLU A 156 -4.68 -3.32 -16.84
C GLU A 156 -3.24 -3.76 -17.00
N ALA A 157 -2.61 -3.37 -18.11
CA ALA A 157 -1.19 -3.70 -18.31
C ALA A 157 -0.35 -2.95 -17.32
N ILE A 158 -0.65 -1.70 -17.01
CA ILE A 158 0.11 -0.96 -16.01
C ILE A 158 -0.09 -1.62 -14.66
N VAL A 159 -1.23 -2.08 -14.29
CA VAL A 159 -1.45 -2.80 -13.04
C VAL A 159 -0.50 -3.99 -12.92
N LYS A 160 -0.43 -4.80 -13.97
N LYS A 160 -0.40 -4.77 -13.98
CA LYS A 160 0.47 -5.96 -13.98
CA LYS A 160 0.46 -5.96 -13.96
C LYS A 160 1.93 -5.52 -13.76
C LYS A 160 1.94 -5.54 -13.80
N SER A 161 2.35 -4.47 -14.44
CA SER A 161 3.69 -3.99 -14.36
C SER A 161 4.03 -3.46 -13.01
N GLU A 162 3.17 -2.65 -12.40
CA GLU A 162 3.40 -2.12 -11.07
C GLU A 162 3.42 -3.29 -10.05
N THR A 163 2.63 -4.32 -10.26
CA THR A 163 2.66 -5.49 -9.38
C THR A 163 4.06 -6.12 -9.41
N LYS A 164 4.58 -6.28 -10.59
CA LYS A 164 5.94 -6.83 -10.75
C LYS A 164 6.89 -5.94 -10.06
N HIS A 165 6.81 -4.64 -10.17
CA HIS A 165 7.75 -3.73 -9.45
C HIS A 165 7.61 -3.96 -7.97
N ALA A 166 6.43 -4.10 -7.40
CA ALA A 166 6.27 -4.35 -5.99
C ALA A 166 7.04 -5.62 -5.58
N ASN A 167 6.92 -6.64 -6.39
CA ASN A 167 7.65 -7.89 -6.10
C ASN A 167 9.13 -7.65 -6.15
N TRP A 168 9.66 -7.02 -7.17
CA TRP A 168 11.11 -6.69 -7.23
C TRP A 168 11.54 -5.94 -5.99
N VAL A 169 10.81 -4.96 -5.53
CA VAL A 169 11.16 -4.14 -4.43
C VAL A 169 11.15 -4.96 -3.14
N LYS A 170 10.16 -5.80 -2.92
CA LYS A 170 10.11 -6.65 -1.75
C LYS A 170 11.34 -7.60 -1.74
N ARG A 171 11.66 -8.24 -2.83
CA ARG A 171 12.83 -9.13 -2.82
C ARG A 171 14.01 -8.30 -2.53
N ALA A 172 14.20 -7.11 -3.02
CA ALA A 172 15.38 -6.28 -2.77
C ALA A 172 15.50 -5.89 -1.29
N LEU A 173 14.35 -5.53 -0.70
CA LEU A 173 14.30 -5.16 0.67
C LEU A 173 14.72 -6.36 1.53
N GLU A 174 14.21 -7.55 1.22
CA GLU A 174 14.56 -8.78 1.93
C GLU A 174 16.07 -8.99 1.85
N ASN A 175 16.65 -8.80 0.69
N ASN A 175 16.63 -8.76 0.67
CA ASN A 175 18.14 -8.86 0.54
CA ASN A 175 18.05 -8.97 0.37
C ASN A 175 18.83 -7.89 1.47
C ASN A 175 19.00 -7.86 0.96
N LEU A 176 18.49 -6.63 1.24
CA LEU A 176 19.20 -5.55 1.88
C LEU A 176 19.33 -5.83 3.33
N LEU A 177 18.25 -6.25 3.97
CA LEU A 177 18.19 -6.35 5.37
C LEU A 177 19.00 -7.60 5.84
N GLU A 178 19.14 -8.66 5.03
CA GLU A 178 19.80 -9.98 5.41
C GLU A 178 21.38 -9.97 5.22
N VAL A 179 22.12 -9.91 6.32
CA VAL A 179 23.59 -9.81 6.25
C VAL A 179 24.20 -11.25 6.58
N ALA A 180 25.33 -11.58 5.92
CA ALA A 180 25.94 -12.97 5.97
C ALA A 180 27.21 -12.83 5.11
N ASN B 4 0.59 -10.32 -19.57
CA ASN B 4 1.62 -9.99 -18.48
C ASN B 4 1.47 -10.76 -17.16
N TYR B 5 2.08 -11.95 -17.07
CA TYR B 5 1.92 -12.88 -15.95
C TYR B 5 3.01 -12.82 -14.83
N ASN B 6 2.60 -12.58 -13.60
CA ASN B 6 3.44 -12.55 -12.39
C ASN B 6 3.12 -13.77 -11.51
N GLN B 7 4.11 -14.34 -10.85
CA GLN B 7 3.88 -15.49 -9.96
C GLN B 7 3.06 -15.05 -8.76
N GLU B 8 2.11 -15.86 -8.34
CA GLU B 8 1.36 -15.52 -7.13
C GLU B 8 2.18 -15.84 -5.86
N ASP B 9 1.96 -15.07 -4.81
CA ASP B 9 2.68 -15.23 -3.55
C ASP B 9 2.53 -16.67 -2.98
N PHE B 10 3.64 -17.09 -2.34
CA PHE B 10 3.69 -18.27 -1.54
C PHE B 10 2.43 -18.47 -0.69
N MET B 11 1.84 -19.64 -0.88
CA MET B 11 0.62 -20.10 -0.22
CA MET B 11 0.67 -20.05 -0.07
C MET B 11 -0.58 -19.14 -0.27
N GLY B 12 -0.53 -18.24 -1.25
CA GLY B 12 -1.68 -17.33 -1.40
C GLY B 12 -1.85 -16.35 -0.25
N LEU B 13 -0.81 -16.13 0.55
CA LEU B 13 -0.95 -15.41 1.82
C LEU B 13 -1.31 -13.97 1.55
N ASP B 14 -1.02 -13.45 0.35
CA ASP B 14 -1.46 -12.10 0.03
C ASP B 14 -2.97 -11.89 -0.03
N ARG B 15 -3.70 -12.97 -0.28
CA ARG B 15 -5.18 -12.92 -0.34
C ARG B 15 -5.86 -12.78 1.00
N PHE B 16 -5.08 -12.75 2.07
CA PHE B 16 -5.62 -12.40 3.36
CA PHE B 16 -5.62 -12.41 3.37
C PHE B 16 -5.99 -10.91 3.43
N PHE B 17 -5.34 -10.08 2.65
CA PHE B 17 -5.67 -8.65 2.63
C PHE B 17 -7.06 -8.43 2.07
N GLN B 18 -7.87 -7.71 2.85
CA GLN B 18 -9.25 -7.35 2.47
C GLN B 18 -9.44 -5.84 2.61
N ASP B 19 -9.88 -5.22 1.53
CA ASP B 19 -10.10 -3.77 1.54
C ASP B 19 -11.58 -3.42 1.78
N ALA B 20 -11.84 -2.42 2.61
CA ALA B 20 -13.20 -1.92 2.77
C ALA B 20 -13.65 -1.37 1.40
N VAL B 21 -14.96 -1.50 1.18
CA VAL B 21 -15.56 -1.09 -0.07
C VAL B 21 -16.07 0.33 0.01
N SER B 22 -15.83 1.07 -1.04
CA SER B 22 -16.24 2.46 -1.18
CA SER B 22 -16.30 2.42 -1.11
C SER B 22 -17.75 2.55 -1.62
N HIS B 23 -18.50 3.39 -0.93
CA HIS B 23 -19.91 3.67 -1.24
C HIS B 23 -20.14 5.14 -1.29
N ASN B 24 -21.29 5.58 -1.82
CA ASN B 24 -21.66 7.00 -1.76
C ASN B 24 -22.03 7.50 -0.41
N ASN B 25 -22.50 6.62 0.51
N ASN B 25 -22.38 6.63 0.53
CA ASN B 25 -23.02 6.95 1.79
CA ASN B 25 -22.91 7.09 1.78
C ASN B 25 -22.03 6.52 2.89
C ASN B 25 -22.14 6.52 2.96
N THR B 26 -21.73 7.46 3.78
CA THR B 26 -20.87 7.21 4.94
C THR B 26 -21.34 6.06 5.81
N ASP B 27 -22.67 5.82 6.01
N ASP B 27 -22.62 5.96 5.98
CA ASP B 27 -23.17 4.63 6.81
CA ASP B 27 -23.11 4.90 6.76
C ASP B 27 -22.63 3.36 6.22
C ASP B 27 -22.67 3.50 6.25
N ALA B 28 -22.74 3.30 4.92
CA ALA B 28 -22.31 2.10 4.23
C ALA B 28 -20.80 1.94 4.27
N ASN B 29 -20.07 3.04 4.21
CA ASN B 29 -18.59 2.95 4.37
C ASN B 29 -18.31 2.46 5.78
N ALA B 30 -18.99 2.97 6.80
CA ALA B 30 -18.83 2.50 8.16
C ALA B 30 -19.12 1.00 8.28
N ALA B 31 -20.20 0.51 7.66
CA ALA B 31 -20.56 -0.87 7.72
C ALA B 31 -19.44 -1.73 7.13
N SER B 32 -18.90 -1.28 6.00
CA SER B 32 -17.83 -2.03 5.31
C SER B 32 -16.55 -2.03 6.16
N SER B 33 -16.26 -0.90 6.75
CA SER B 33 -15.12 -0.80 7.63
CA SER B 33 -15.12 -0.77 7.68
C SER B 33 -15.25 -1.73 8.84
N ILE B 34 -16.42 -1.73 9.52
CA ILE B 34 -16.64 -2.60 10.68
C ILE B 34 -16.33 -4.06 10.27
N GLU B 35 -16.95 -4.44 9.16
CA GLU B 35 -16.77 -5.79 8.60
C GLU B 35 -15.29 -6.18 8.48
N VAL B 36 -14.53 -5.30 7.83
CA VAL B 36 -13.10 -5.62 7.57
C VAL B 36 -12.29 -5.58 8.84
N GLU B 37 -12.55 -4.60 9.68
N GLU B 37 -12.47 -4.54 9.64
CA GLU B 37 -11.82 -4.47 10.91
CA GLU B 37 -11.68 -4.36 10.89
C GLU B 37 -12.08 -5.67 11.85
C GLU B 37 -11.90 -5.56 11.80
N MET B 38 -13.31 -6.13 11.93
N MET B 38 -13.15 -5.99 11.82
CA MET B 38 -13.56 -7.29 12.75
CA MET B 38 -13.56 -7.16 12.61
C MET B 38 -12.94 -8.53 12.12
C MET B 38 -12.92 -8.44 12.11
N TYR B 39 -12.92 -8.64 10.79
CA TYR B 39 -12.19 -9.75 10.16
C TYR B 39 -10.71 -9.71 10.53
N GLU B 40 -10.12 -8.54 10.54
CA GLU B 40 -8.72 -8.44 10.92
C GLU B 40 -8.51 -8.83 12.35
N CYS B 41 -9.39 -8.35 13.22
CA CYS B 41 -9.34 -8.59 14.65
C CYS B 41 -9.50 -10.07 14.99
N ASP B 42 -10.55 -10.68 14.39
N ASP B 42 -10.48 -10.74 14.42
CA ASP B 42 -11.04 -12.06 14.66
CA ASP B 42 -10.84 -12.07 14.90
C ASP B 42 -10.20 -13.12 14.01
C ASP B 42 -10.35 -13.20 13.93
N CYS B 43 -9.81 -12.85 12.77
CA CYS B 43 -9.36 -13.90 11.90
CA CYS B 43 -9.39 -13.87 11.80
C CYS B 43 -7.96 -13.65 11.32
N MET B 44 -7.75 -12.53 10.63
CA MET B 44 -6.46 -12.33 9.95
C MET B 44 -5.28 -12.22 10.93
N TYR B 45 -5.32 -11.27 11.82
CA TYR B 45 -4.17 -11.06 12.71
C TYR B 45 -3.94 -12.21 13.67
N PRO B 46 -4.99 -12.84 14.20
CA PRO B 46 -4.69 -14.03 15.06
C PRO B 46 -3.96 -15.12 14.30
N THR B 47 -4.30 -15.30 13.03
CA THR B 47 -3.66 -16.33 12.20
C THR B 47 -2.18 -15.94 11.96
N PHE B 48 -1.91 -14.67 11.65
CA PHE B 48 -0.56 -14.19 11.51
C PHE B 48 0.22 -14.40 12.81
N ALA B 49 -0.45 -14.20 13.95
CA ALA B 49 0.21 -14.36 15.23
C ALA B 49 0.64 -15.83 15.41
N GLU B 50 -0.25 -16.76 15.07
CA GLU B 50 0.06 -18.16 15.20
C GLU B 50 1.16 -18.57 14.24
N ILE B 51 1.16 -18.06 13.01
CA ILE B 51 2.31 -18.31 12.08
C ILE B 51 3.59 -17.82 12.72
N ALA B 52 3.60 -16.64 13.34
CA ALA B 52 4.80 -16.09 14.01
C ALA B 52 5.25 -17.02 15.14
N ARG B 53 4.33 -17.43 16.01
CA ARG B 53 4.70 -18.26 17.16
C ARG B 53 5.26 -19.59 16.64
N ARG B 54 4.60 -20.20 15.66
CA ARG B 54 5.04 -21.52 15.17
C ARG B 54 6.35 -21.45 14.39
N SER B 55 6.69 -20.25 13.95
CA SER B 55 7.94 -19.95 13.30
C SER B 55 9.05 -19.68 14.30
N GLY B 56 8.76 -19.70 15.58
CA GLY B 56 9.76 -19.36 16.59
C GLY B 56 10.02 -17.92 16.77
N GLN B 57 8.96 -17.10 16.52
CA GLN B 57 9.06 -15.65 16.62
C GLN B 57 7.95 -15.10 17.56
N PRO B 58 8.02 -15.44 18.84
CA PRO B 58 6.92 -15.07 19.75
C PRO B 58 6.76 -13.59 19.94
N GLU B 59 7.79 -12.78 19.87
CA GLU B 59 7.69 -11.34 20.02
C GLU B 59 6.86 -10.75 18.83
N ILE B 60 7.15 -11.18 17.59
CA ILE B 60 6.35 -10.75 16.46
C ILE B 60 4.91 -11.22 16.65
N GLY B 61 4.70 -12.45 17.16
CA GLY B 61 3.35 -12.94 17.41
C GLY B 61 2.61 -12.03 18.39
N ALA B 62 3.28 -11.59 19.45
CA ALA B 62 2.69 -10.66 20.42
C ALA B 62 2.30 -9.34 19.72
N MET B 63 3.09 -8.87 18.80
CA MET B 63 2.78 -7.67 18.00
C MET B 63 1.48 -7.88 17.27
N PHE B 64 1.35 -8.97 16.56
CA PHE B 64 0.14 -9.20 15.82
C PHE B 64 -1.05 -9.33 16.77
N ASP B 65 -0.90 -9.96 17.93
CA ASP B 65 -2.02 -10.04 18.86
C ASP B 65 -2.45 -8.62 19.32
N ALA B 66 -1.47 -7.73 19.53
CA ALA B 66 -1.72 -6.36 20.01
C ALA B 66 -2.43 -5.58 18.90
N ILE B 67 -1.97 -5.71 17.66
CA ILE B 67 -2.63 -5.08 16.50
C ILE B 67 -4.04 -5.59 16.41
N ALA B 68 -4.28 -6.87 16.51
CA ALA B 68 -5.61 -7.45 16.37
C ALA B 68 -6.58 -6.75 17.33
N LYS B 69 -6.18 -6.55 18.58
CA LYS B 69 -7.05 -5.87 19.55
C LYS B 69 -7.43 -4.48 19.07
N GLU B 70 -6.46 -3.78 18.53
CA GLU B 70 -6.65 -2.41 18.07
C GLU B 70 -7.60 -2.41 16.84
N GLU B 71 -7.55 -3.39 15.99
CA GLU B 71 -8.53 -3.48 14.90
C GLU B 71 -9.95 -3.54 15.44
N GLY B 72 -10.13 -4.34 16.48
CA GLY B 72 -11.44 -4.43 17.13
C GLY B 72 -11.83 -3.08 17.74
N MET B 73 -10.86 -2.33 18.30
CA MET B 73 -11.17 -0.95 18.80
C MET B 73 -11.69 -0.11 17.67
N HIS B 74 -11.08 -0.15 16.51
CA HIS B 74 -11.56 0.65 15.38
C HIS B 74 -13.02 0.33 15.04
N ALA B 75 -13.33 -0.96 14.98
CA ALA B 75 -14.67 -1.44 14.71
C ALA B 75 -15.65 -0.94 15.75
N GLN B 76 -15.24 -1.03 17.00
CA GLN B 76 -16.15 -0.67 18.09
C GLN B 76 -16.38 0.79 18.16
N LEU B 77 -15.41 1.62 17.76
CA LEU B 77 -15.64 3.05 17.63
C LEU B 77 -16.80 3.35 16.64
N LEU B 78 -16.72 2.72 15.47
CA LEU B 78 -17.73 2.91 14.46
C LEU B 78 -19.09 2.34 14.90
N THR B 79 -19.08 1.19 15.54
CA THR B 79 -20.35 0.61 15.98
CA THR B 79 -20.29 0.56 16.02
C THR B 79 -20.98 1.49 17.02
N LYS B 80 -20.23 2.17 17.87
CA LYS B 80 -20.80 3.09 18.82
C LYS B 80 -21.53 4.23 18.09
N LEU B 81 -21.03 4.68 16.97
CA LEU B 81 -21.59 5.74 16.23
C LEU B 81 -22.77 5.30 15.42
N TYR B 82 -22.87 4.05 15.08
CA TYR B 82 -23.92 3.43 14.25
C TYR B 82 -24.51 2.27 14.99
N SER B 83 -25.27 2.57 16.04
CA SER B 83 -25.69 1.55 17.03
C SER B 83 -26.58 0.44 16.47
N GLU B 84 -27.27 0.74 15.37
CA GLU B 84 -28.29 -0.17 14.84
C GLU B 84 -27.86 -0.92 13.61
N LEU B 85 -26.64 -0.66 13.15
CA LEU B 85 -26.21 -1.24 11.91
C LEU B 85 -26.08 -2.71 11.94
N GLU B 86 -26.54 -3.37 10.92
CA GLU B 86 -26.47 -4.83 10.83
C GLU B 86 -25.37 -5.15 9.81
N VAL B 87 -24.24 -5.64 10.27
CA VAL B 87 -23.07 -5.94 9.41
C VAL B 87 -23.07 -7.46 9.12
N LYS B 88 -22.96 -7.78 7.85
CA LYS B 88 -22.85 -9.16 7.37
C LYS B 88 -21.58 -9.30 6.54
N ASP B 89 -20.97 -10.47 6.63
CA ASP B 89 -19.78 -10.71 5.82
C ASP B 89 -20.17 -10.86 4.30
N SER B 90 -19.53 -10.06 3.47
CA SER B 90 -19.62 -10.15 2.05
C SER B 90 -18.99 -11.49 1.54
N ALA B 91 -19.28 -11.79 0.29
CA ALA B 91 -18.68 -12.93 -0.42
C ALA B 91 -17.16 -12.93 -0.24
N GLU B 92 -16.57 -11.76 -0.41
CA GLU B 92 -15.11 -11.65 -0.32
C GLU B 92 -14.58 -11.93 1.08
N THR B 93 -15.26 -11.44 2.13
CA THR B 93 -14.85 -11.79 3.49
C THR B 93 -15.03 -13.26 3.77
N LEU B 94 -16.14 -13.85 3.33
CA LEU B 94 -16.34 -15.25 3.54
C LEU B 94 -15.22 -16.09 2.88
N GLU B 95 -14.80 -15.70 1.70
CA GLU B 95 -13.70 -16.40 0.99
C GLU B 95 -12.40 -16.24 1.72
N ALA B 96 -12.14 -15.05 2.28
CA ALA B 96 -10.96 -14.84 3.07
C ALA B 96 -10.98 -15.71 4.31
N LYS B 97 -12.13 -15.82 4.98
CA LYS B 97 -12.23 -16.70 6.12
C LYS B 97 -12.03 -18.20 5.78
N ARG B 98 -12.45 -18.60 4.58
CA ARG B 98 -12.11 -19.95 4.09
C ARG B 98 -10.62 -20.12 3.92
N LEU B 99 -9.95 -19.13 3.36
CA LEU B 99 -8.50 -19.16 3.18
C LEU B 99 -7.82 -19.24 4.51
N VAL B 100 -8.23 -18.42 5.48
CA VAL B 100 -7.77 -18.57 6.87
C VAL B 100 -7.86 -19.98 7.35
N SER B 101 -9.01 -20.62 7.13
CA SER B 101 -9.21 -21.96 7.62
CA SER B 101 -9.20 -21.97 7.63
C SER B 101 -8.23 -22.93 6.94
N THR B 102 -7.98 -22.75 5.65
CA THR B 102 -7.09 -23.70 4.97
CA THR B 102 -7.06 -23.61 4.86
C THR B 102 -5.63 -23.52 5.38
N ILE B 103 -5.20 -22.29 5.69
CA ILE B 103 -3.87 -22.04 6.20
C ILE B 103 -3.72 -22.59 7.63
N GLU B 104 -4.72 -22.37 8.47
CA GLU B 104 -4.74 -22.96 9.83
C GLU B 104 -4.54 -24.48 9.77
N SER B 105 -5.16 -25.14 8.79
CA SER B 105 -4.98 -26.59 8.68
CA SER B 105 -5.01 -26.61 8.55
C SER B 105 -3.55 -27.00 8.25
N GLN B 106 -2.82 -26.12 7.62
CA GLN B 106 -1.47 -26.37 7.17
C GLN B 106 -0.44 -25.56 7.95
N ILE B 107 -0.77 -25.15 9.16
CA ILE B 107 -0.01 -24.11 9.81
C ILE B 107 1.42 -24.50 10.12
N ASP B 108 1.63 -25.78 10.43
CA ASP B 108 3.03 -26.21 10.64
C ASP B 108 3.90 -26.13 9.37
N ALA B 109 3.37 -26.52 8.20
CA ALA B 109 4.13 -26.37 6.95
C ALA B 109 4.37 -24.89 6.58
N VAL B 110 3.35 -24.06 6.82
CA VAL B 110 3.47 -22.63 6.50
C VAL B 110 4.60 -22.01 7.33
N ALA B 111 4.60 -22.31 8.61
CA ALA B 111 5.55 -21.75 9.58
C ALA B 111 7.00 -22.30 9.42
N SER B 112 7.09 -23.55 8.94
CA SER B 112 8.41 -24.17 8.81
C SER B 112 9.23 -23.57 7.67
N ASP B 113 8.50 -23.00 6.71
CA ASP B 113 9.13 -22.32 5.61
C ASP B 113 9.33 -20.85 6.00
N SER B 114 10.52 -20.30 5.84
N SER B 114 10.52 -20.27 5.87
CA SER B 114 10.82 -18.93 6.24
CA SER B 114 10.77 -18.88 6.28
C SER B 114 9.90 -17.89 5.57
C SER B 114 9.85 -17.88 5.58
N ARG B 115 9.41 -18.28 4.40
CA ARG B 115 8.48 -17.44 3.65
C ARG B 115 7.12 -17.26 4.31
N GLY B 116 6.69 -18.17 5.15
CA GLY B 116 5.36 -18.06 5.76
C GLY B 116 5.25 -16.77 6.53
N LEU B 117 6.13 -16.55 7.48
CA LEU B 117 6.15 -15.33 8.32
C LEU B 117 6.48 -14.08 7.47
N ARG B 118 7.42 -14.20 6.54
CA ARG B 118 7.79 -13.08 5.73
C ARG B 118 6.58 -12.56 4.95
N ARG B 119 5.89 -13.48 4.30
CA ARG B 119 4.72 -13.09 3.52
C ARG B 119 3.57 -12.60 4.40
N ALA B 120 3.38 -13.19 5.58
CA ALA B 120 2.41 -12.68 6.51
C ALA B 120 2.74 -11.24 6.86
N LEU B 121 3.94 -10.90 7.24
CA LEU B 121 4.34 -9.55 7.53
C LEU B 121 4.17 -8.62 6.33
N GLU B 122 4.52 -9.08 5.14
CA GLU B 122 4.36 -8.25 3.95
C GLU B 122 2.90 -7.98 3.62
N THR B 123 2.01 -8.96 3.88
CA THR B 123 0.59 -8.82 3.69
C THR B 123 0.06 -7.86 4.73
N ALA B 124 0.43 -7.98 6.00
CA ALA B 124 0.07 -6.97 7.01
C ALA B 124 0.49 -5.61 6.56
N LEU B 125 1.72 -5.44 6.06
CA LEU B 125 2.18 -4.12 5.59
C LEU B 125 1.30 -3.63 4.41
N GLU B 126 0.94 -4.50 3.51
CA GLU B 126 0.09 -4.12 2.39
C GLU B 126 -1.22 -3.58 2.88
N VAL B 127 -1.90 -4.26 3.76
CA VAL B 127 -3.23 -3.71 4.24
C VAL B 127 -3.02 -2.46 5.00
N GLU B 128 -2.06 -2.41 5.90
CA GLU B 128 -1.91 -1.21 6.74
C GLU B 128 -1.60 0.02 5.85
N THR B 129 -0.81 -0.20 4.81
CA THR B 129 -0.46 0.84 3.86
C THR B 129 -1.77 1.30 3.10
N ILE B 130 -2.50 0.37 2.54
CA ILE B 130 -3.71 0.74 1.75
C ILE B 130 -4.72 1.41 2.68
N GLU B 131 -4.95 0.87 3.87
N GLU B 131 -4.96 0.85 3.87
CA GLU B 131 -5.96 1.42 4.73
CA GLU B 131 -5.89 1.45 4.83
C GLU B 131 -5.54 2.79 5.28
C GLU B 131 -5.50 2.83 5.20
N SER B 132 -4.28 2.96 5.67
CA SER B 132 -3.84 4.22 6.20
C SER B 132 -3.68 5.35 5.17
N GLN B 133 -3.24 4.97 3.98
CA GLN B 133 -2.90 5.95 2.96
C GLN B 133 -4.02 6.22 1.93
N LYS B 134 -4.93 5.26 1.78
CA LYS B 134 -5.95 5.38 0.70
C LYS B 134 -7.34 5.28 1.26
N THR B 135 -7.69 4.11 1.78
CA THR B 135 -9.09 3.82 2.07
C THR B 135 -9.64 4.69 3.16
N TYR B 136 -9.06 4.72 4.34
CA TYR B 136 -9.58 5.48 5.43
C TYR B 136 -9.49 7.00 5.23
N PRO B 137 -8.44 7.52 4.60
CA PRO B 137 -8.48 8.93 4.26
C PRO B 137 -9.70 9.27 3.39
N ALA B 138 -9.98 8.40 2.42
CA ALA B 138 -11.11 8.66 1.50
C ALA B 138 -12.38 8.65 2.31
N PHE B 139 -12.58 7.68 3.21
CA PHE B 139 -13.80 7.63 4.03
C PHE B 139 -13.89 8.88 4.90
N ALA B 140 -12.80 9.32 5.53
CA ALA B 140 -12.80 10.53 6.37
C ALA B 140 -13.18 11.76 5.55
N LYS B 141 -12.68 11.86 4.31
CA LYS B 141 -12.95 13.01 3.47
C LYS B 141 -14.42 13.08 3.13
N LEU B 142 -15.00 11.95 2.73
CA LEU B 142 -16.40 11.90 2.38
C LEU B 142 -17.30 12.16 3.57
N ALA B 143 -16.95 11.65 4.74
CA ALA B 143 -17.74 11.89 5.92
C ALA B 143 -17.83 13.40 6.19
N ALA B 144 -16.67 14.05 6.12
CA ALA B 144 -16.63 15.51 6.34
C ALA B 144 -17.50 16.22 5.31
N GLU B 145 -17.35 15.85 4.04
CA GLU B 145 -18.15 16.49 3.02
CA GLU B 145 -18.16 16.44 2.96
C GLU B 145 -19.64 16.34 3.26
N GLN B 146 -20.07 15.24 3.83
CA GLN B 146 -21.45 14.97 4.14
C GLN B 146 -21.94 15.56 5.46
N GLY B 147 -21.10 16.34 6.14
CA GLY B 147 -21.47 16.96 7.34
C GLY B 147 -21.54 16.01 8.53
N ASN B 148 -20.86 14.86 8.47
CA ASN B 148 -20.84 13.91 9.56
C ASN B 148 -19.54 14.07 10.28
N MET B 149 -19.48 15.06 11.13
N MET B 149 -19.43 15.12 11.06
CA MET B 149 -18.22 15.40 11.80
CA MET B 149 -18.18 15.39 11.71
C MET B 149 -17.76 14.35 12.76
C MET B 149 -17.73 14.30 12.68
N GLU B 150 -18.63 13.71 13.45
CA GLU B 150 -18.27 12.72 14.41
C GLU B 150 -17.64 11.49 13.71
N VAL B 151 -18.22 11.07 12.61
CA VAL B 151 -17.71 9.94 11.85
C VAL B 151 -16.40 10.32 11.16
N ALA B 152 -16.30 11.53 10.62
CA ALA B 152 -15.07 11.99 10.00
C ALA B 152 -13.95 11.94 11.04
N THR B 153 -14.18 12.43 12.24
CA THR B 153 -13.15 12.45 13.31
C THR B 153 -12.79 11.02 13.65
N ALA B 154 -13.75 10.13 13.71
CA ALA B 154 -13.45 8.70 13.95
C ALA B 154 -12.58 8.14 12.89
N PHE B 155 -12.89 8.32 11.62
CA PHE B 155 -12.04 7.83 10.55
C PHE B 155 -10.65 8.46 10.62
N GLU B 156 -10.52 9.71 10.96
CA GLU B 156 -9.20 10.35 11.10
C GLU B 156 -8.39 9.64 12.19
N ALA B 157 -9.05 9.27 13.29
CA ALA B 157 -8.36 8.53 14.32
C ALA B 157 -7.95 7.18 13.85
N ILE B 158 -8.76 6.49 13.07
CA ILE B 158 -8.41 5.19 12.55
C ILE B 158 -7.24 5.37 11.59
N VAL B 159 -7.19 6.38 10.77
CA VAL B 159 -6.05 6.66 9.89
C VAL B 159 -4.76 6.70 10.69
N LYS B 160 -4.77 7.47 11.77
N LYS B 160 -4.76 7.46 11.78
CA LYS B 160 -3.57 7.59 12.65
CA LYS B 160 -3.51 7.58 12.58
C LYS B 160 -3.14 6.21 13.18
C LYS B 160 -3.12 6.22 13.20
N SER B 161 -4.08 5.43 13.63
CA SER B 161 -3.84 4.15 14.21
C SER B 161 -3.33 3.17 13.20
N GLU B 162 -3.89 3.07 12.00
CA GLU B 162 -3.40 2.18 10.98
C GLU B 162 -1.96 2.65 10.55
N THR B 163 -1.70 3.92 10.53
CA THR B 163 -0.35 4.39 10.24
C THR B 163 0.67 3.87 11.25
N LYS B 164 0.30 3.92 12.49
CA LYS B 164 1.17 3.38 13.54
C LYS B 164 1.34 1.89 13.29
N HIS B 165 0.31 1.13 12.97
CA HIS B 165 0.48 -0.29 12.70
C HIS B 165 1.43 -0.49 11.55
N ALA B 166 1.35 0.28 10.48
CA ALA B 166 2.27 0.14 9.36
C ALA B 166 3.72 0.29 9.87
N ASN B 167 3.94 1.28 10.72
CA ASN B 167 5.32 1.49 11.27
C ASN B 167 5.70 0.31 12.10
N TRP B 168 4.90 -0.21 12.99
CA TRP B 168 5.23 -1.41 13.77
C TRP B 168 5.58 -2.53 12.85
N VAL B 169 4.84 -2.79 11.80
CA VAL B 169 5.07 -3.90 10.92
C VAL B 169 6.37 -3.71 10.15
N LYS B 170 6.67 -2.52 9.67
CA LYS B 170 7.93 -2.31 8.96
C LYS B 170 9.12 -2.58 9.93
N ARG B 171 9.06 -2.08 11.17
CA ARG B 171 10.19 -2.32 12.10
C ARG B 171 10.25 -3.80 12.29
N ALA B 172 9.20 -4.55 12.43
CA ALA B 172 9.27 -5.98 12.68
C ALA B 172 9.86 -6.73 11.51
N LEU B 173 9.49 -6.32 10.28
CA LEU B 173 9.99 -6.95 9.09
C LEU B 173 11.50 -6.68 9.02
N GLU B 174 11.96 -5.46 9.30
CA GLU B 174 13.39 -5.13 9.34
C GLU B 174 14.11 -6.05 10.31
N ASN B 175 13.49 -6.26 11.48
N ASN B 175 13.56 -6.24 11.48
CA ASN B 175 13.99 -7.13 12.59
CA ASN B 175 14.25 -7.12 12.41
C ASN B 175 14.08 -8.59 12.20
C ASN B 175 14.27 -8.54 11.82
N LEU B 176 13.10 -9.11 11.48
CA LEU B 176 13.01 -10.48 11.08
C LEU B 176 14.07 -10.83 10.13
N LEU B 177 14.30 -9.95 9.14
CA LEU B 177 15.15 -10.25 8.03
C LEU B 177 16.63 -10.10 8.44
N GLU B 178 16.98 -9.38 9.51
CA GLU B 178 18.40 -9.12 10.00
C GLU B 178 18.92 -10.18 11.05
N VAL B 179 19.78 -11.07 10.61
CA VAL B 179 20.27 -12.17 11.47
C VAL B 179 21.72 -11.77 11.99
N ALA B 180 22.09 -12.28 13.18
CA ALA B 180 23.28 -11.74 13.94
C ALA B 180 23.19 -12.37 15.32
FE FE C . 6.23 1.05 -10.63
FE FE D . 4.39 3.95 -11.33
N1 AZI E . 4.28 2.90 -7.82
N2 AZI E . 4.84 2.90 -8.89
N3 AZI E . 5.37 2.89 -9.92
FE FE F . -7.42 -2.35 10.00
FE FE G . -4.22 -1.98 11.36
N1 AZI H . -5.40 -2.73 9.72
N2 AZI H . -5.08 -2.68 8.64
N3 AZI H . -4.75 -2.63 7.52
#